data_2Z68
#
_entry.id   2Z68
#
_cell.length_a   40.656
_cell.length_b   63.057
_cell.length_c   77.964
_cell.angle_alpha   90.00
_cell.angle_beta   96.88
_cell.angle_gamma   90.00
#
_symmetry.space_group_name_H-M   'P 1 21 1'
#
loop_
_entity.id
_entity.type
_entity.pdbx_description
1 polymer 'Heme oxygenase'
2 non-polymer 'SULFATE ION'
3 non-polymer 'SODIUM ION'
4 non-polymer [2-[5-CARBOXYETHYL-2-PHENOLATO(NITRILOMETHYLIDYNE)][PHENOLATO]]CHROMIUM(III)
5 water water
#
_entity_poly.entity_id   1
_entity_poly.type   'polypeptide(L)'
_entity_poly.pdbx_seq_one_letter_code
;MTTATAGLAVELKQSTAQAHEKAEHSTFMSDLLKGRLGVAEFTRLQEQAWLFYTALEQAVDAVRASGFAESLLDPALNRA
EVLARDLDKLNGSSEWRSRITASPAVIDYVNRLEEIRDNVDGPALVAHHYVRYLGDLSGGQVIARMMQRHYGVDPEALGF
YHFEGIAKLKVYKDEYREKLNNLELSDEQREHLLKEATDAFVFNHQVFADLGKGL
;
_entity_poly.pdbx_strand_id   A,B
#
loop_
_chem_comp.id
_chem_comp.type
_chem_comp.name
_chem_comp.formula
NA non-polymer 'SODIUM ION' 'Na 1'
SO4 non-polymer 'SULFATE ION' 'O4 S -2'
TIL non-polymer [2-[5-CARBOXYETHYL-2-PHENOLATO(NITRILOMETHYLIDYNE)][PHENOLATO]]CHROMIUM(III) 'C16 H13 Cr N O4 1'
#
# COMPACT_ATOMS: atom_id res chain seq x y z
N GLY A 7 -22.70 -21.71 -25.33
CA GLY A 7 -22.38 -20.65 -26.35
C GLY A 7 -21.00 -20.04 -26.18
N LEU A 8 -20.78 -18.89 -26.81
CA LEU A 8 -19.45 -18.29 -26.84
C LEU A 8 -18.91 -17.94 -25.45
N ALA A 9 -19.77 -17.48 -24.56
CA ALA A 9 -19.31 -17.03 -23.24
C ALA A 9 -18.69 -18.22 -22.50
N VAL A 10 -19.37 -19.37 -22.59
CA VAL A 10 -18.84 -20.60 -21.98
C VAL A 10 -17.58 -21.10 -22.69
N GLU A 11 -17.57 -21.06 -24.02
CA GLU A 11 -16.42 -21.53 -24.78
C GLU A 11 -15.18 -20.69 -24.46
N LEU A 12 -15.37 -19.38 -24.33
CA LEU A 12 -14.27 -18.46 -23.97
C LEU A 12 -13.64 -18.87 -22.65
N LYS A 13 -14.46 -19.16 -21.66
CA LYS A 13 -13.91 -19.56 -20.35
C LYS A 13 -13.09 -20.84 -20.45
N GLN A 14 -13.64 -21.85 -21.13
CA GLN A 14 -12.96 -23.14 -21.30
C GLN A 14 -11.65 -23.01 -22.10
N SER A 15 -11.70 -22.28 -23.20
CA SER A 15 -10.59 -22.17 -24.13
C SER A 15 -9.40 -21.46 -23.49
N THR A 16 -9.70 -20.51 -22.61
CA THR A 16 -8.66 -19.64 -22.06
C THR A 16 -8.19 -20.08 -20.68
N ALA A 17 -8.66 -21.21 -20.20
CA ALA A 17 -8.48 -21.56 -18.80
C ALA A 17 -7.01 -21.59 -18.36
N GLN A 18 -6.13 -22.21 -19.16
CA GLN A 18 -4.71 -22.36 -18.76
C GLN A 18 -3.98 -21.01 -18.70
N ALA A 19 -4.16 -20.18 -19.73
CA ALA A 19 -3.47 -18.89 -19.79
C ALA A 19 -4.05 -17.95 -18.72
N HIS A 20 -5.35 -18.06 -18.50
CA HIS A 20 -6.00 -17.24 -17.50
C HIS A 20 -5.53 -17.59 -16.08
N GLU A 21 -5.53 -18.87 -15.76
CA GLU A 21 -5.03 -19.33 -14.46
C GLU A 21 -3.61 -18.77 -14.19
N LYS A 22 -2.72 -18.93 -15.17
CA LYS A 22 -1.34 -18.41 -15.05
C LYS A 22 -1.32 -16.89 -14.85
N ALA A 23 -2.21 -16.19 -15.57
CA ALA A 23 -2.28 -14.74 -15.49
C ALA A 23 -2.72 -14.22 -14.12
N GLU A 24 -3.51 -15.02 -13.40
CA GLU A 24 -3.97 -14.64 -12.06
C GLU A 24 -2.98 -15.04 -10.97
N HIS A 25 -1.86 -15.66 -11.34
CA HIS A 25 -0.93 -16.12 -10.32
C HIS A 25 0.47 -15.51 -10.40
N SER A 26 0.52 -14.27 -10.88
CA SER A 26 1.80 -13.55 -10.91
C SER A 26 2.30 -13.24 -9.51
N THR A 27 3.61 -13.22 -9.36
CA THR A 27 4.21 -12.85 -8.08
C THR A 27 3.87 -11.40 -7.76
N PHE A 28 3.84 -10.55 -8.79
CA PHE A 28 3.62 -9.13 -8.57
C PHE A 28 2.25 -8.92 -7.95
N MET A 29 1.22 -9.51 -8.55
CA MET A 29 -0.12 -9.33 -7.99
C MET A 29 -0.30 -10.01 -6.63
N SER A 30 0.34 -11.16 -6.42
CA SER A 30 0.27 -11.85 -5.14
C SER A 30 0.82 -10.93 -4.05
N ASP A 31 2.00 -10.35 -4.30
CA ASP A 31 2.64 -9.47 -3.32
C ASP A 31 1.82 -8.20 -3.14
N LEU A 32 1.29 -7.65 -4.23
CA LEU A 32 0.51 -6.43 -4.16
C LEU A 32 -0.73 -6.65 -3.27
N LEU A 33 -1.48 -7.72 -3.53
CA LEU A 33 -2.75 -8.01 -2.81
C LEU A 33 -2.57 -8.45 -1.36
N LYS A 34 -1.38 -8.94 -1.02
CA LYS A 34 -1.06 -9.35 0.35
C LYS A 34 -0.47 -8.23 1.20
N GLY A 35 -0.27 -7.05 0.57
CA GLY A 35 0.18 -5.86 1.28
C GLY A 35 1.68 -5.74 1.45
N ARG A 36 2.41 -6.46 0.59
CA ARG A 36 3.86 -6.59 0.70
C ARG A 36 4.62 -5.54 -0.12
N LEU A 37 3.87 -4.78 -0.93
CA LEU A 37 4.45 -3.74 -1.78
C LEU A 37 4.10 -2.35 -1.20
N GLY A 38 3.60 -1.44 -2.03
CA GLY A 38 3.22 -0.11 -1.56
C GLY A 38 2.43 0.65 -2.61
N VAL A 39 1.96 1.83 -2.24
CA VAL A 39 1.22 2.68 -3.18
C VAL A 39 2.01 2.99 -4.48
N ALA A 40 3.35 3.13 -4.37
CA ALA A 40 4.17 3.31 -5.57
C ALA A 40 3.96 2.20 -6.61
N GLU A 41 3.98 0.94 -6.15
CA GLU A 41 3.85 -0.20 -7.07
C GLU A 41 2.45 -0.24 -7.66
N PHE A 42 1.45 0.08 -6.84
CA PHE A 42 0.09 0.22 -7.37
C PHE A 42 0.05 1.31 -8.48
N THR A 43 0.76 2.41 -8.25
CA THR A 43 0.80 3.51 -9.19
C THR A 43 1.48 3.10 -10.50
N ARG A 44 2.58 2.36 -10.40
CA ARG A 44 3.26 1.83 -11.60
C ARG A 44 2.32 0.96 -12.42
N LEU A 45 1.53 0.12 -11.72
CA LEU A 45 0.58 -0.73 -12.39
C LEU A 45 -0.43 0.10 -13.19
N GLN A 46 -0.95 1.15 -12.55
CA GLN A 46 -1.95 2.01 -13.20
C GLN A 46 -1.38 2.83 -14.36
N GLU A 47 -0.11 3.24 -14.26
CA GLU A 47 0.56 3.91 -15.38
C GLU A 47 0.66 3.00 -16.61
N GLN A 48 1.06 1.73 -16.42
CA GLN A 48 1.14 0.75 -17.52
C GLN A 48 -0.25 0.47 -18.09
N ALA A 49 -1.23 0.36 -17.20
CA ALA A 49 -2.62 0.14 -17.61
C ALA A 49 -3.16 1.33 -18.44
N TRP A 50 -2.83 2.57 -18.04
CA TRP A 50 -3.24 3.73 -18.85
C TRP A 50 -2.70 3.61 -20.31
N LEU A 51 -1.46 3.16 -20.45
CA LEU A 51 -0.87 2.97 -21.77
C LEU A 51 -1.68 1.96 -22.61
N PHE A 52 -1.99 0.78 -22.04
CA PHE A 52 -2.70 -0.22 -22.84
C PHE A 52 -4.19 0.03 -22.98
N TYR A 53 -4.82 0.59 -21.96
CA TYR A 53 -6.24 1.03 -22.15
C TYR A 53 -6.37 2.12 -23.23
N THR A 54 -5.39 3.03 -23.33
CA THR A 54 -5.44 4.06 -24.35
C THR A 54 -5.45 3.40 -25.73
N ALA A 55 -4.54 2.46 -25.93
CA ALA A 55 -4.47 1.69 -27.19
C ALA A 55 -5.70 0.84 -27.42
N LEU A 56 -6.16 0.14 -26.38
CA LEU A 56 -7.36 -0.69 -26.49
C LEU A 56 -8.51 0.17 -26.96
N GLU A 57 -8.66 1.35 -26.38
CA GLU A 57 -9.85 2.18 -26.68
C GLU A 57 -9.84 2.81 -28.08
N GLN A 58 -8.64 3.08 -28.60
CA GLN A 58 -8.52 3.43 -30.03
C GLN A 58 -8.99 2.28 -30.93
N ALA A 59 -8.59 1.06 -30.59
CA ALA A 59 -9.06 -0.14 -31.31
C ALA A 59 -10.58 -0.34 -31.19
N VAL A 60 -11.12 -0.19 -29.97
CA VAL A 60 -12.57 -0.26 -29.77
C VAL A 60 -13.30 0.79 -30.64
N ASP A 61 -12.80 2.02 -30.62
CA ASP A 61 -13.40 3.09 -31.41
C ASP A 61 -13.48 2.73 -32.90
N ALA A 62 -12.39 2.18 -33.43
CA ALA A 62 -12.35 1.78 -34.86
C ALA A 62 -13.39 0.70 -35.16
N VAL A 63 -13.43 -0.34 -34.33
CA VAL A 63 -14.33 -1.48 -34.56
C VAL A 63 -15.78 -1.04 -34.38
N ARG A 64 -16.05 -0.20 -33.38
CA ARG A 64 -17.40 0.34 -33.18
C ARG A 64 -17.83 1.13 -34.42
N ALA A 65 -16.95 1.97 -34.93
CA ALA A 65 -17.26 2.79 -36.11
C ALA A 65 -17.55 1.93 -37.34
N SER A 66 -16.95 0.73 -37.42
CA SER A 66 -17.22 -0.18 -38.54
C SER A 66 -18.61 -0.83 -38.46
N GLY A 67 -19.24 -0.70 -37.29
CA GLY A 67 -20.53 -1.33 -37.01
C GLY A 67 -20.48 -2.81 -36.63
N PHE A 68 -19.36 -3.26 -36.07
CA PHE A 68 -19.26 -4.64 -35.61
C PHE A 68 -19.44 -4.68 -34.08
N ALA A 69 -20.30 -5.58 -33.59
CA ALA A 69 -20.53 -5.76 -32.14
C ALA A 69 -20.84 -4.45 -31.41
N GLU A 70 -21.58 -3.55 -32.07
CA GLU A 70 -21.83 -2.22 -31.54
C GLU A 70 -22.40 -2.19 -30.13
N SER A 71 -23.43 -3.00 -29.87
CA SER A 71 -24.11 -2.98 -28.56
C SER A 71 -23.19 -3.44 -27.44
N LEU A 72 -22.24 -4.31 -27.76
CA LEU A 72 -21.24 -4.77 -26.80
C LEU A 72 -20.26 -3.65 -26.42
N LEU A 73 -19.89 -2.85 -27.42
CA LEU A 73 -18.80 -1.87 -27.29
C LEU A 73 -19.30 -0.57 -26.66
N ASP A 74 -19.83 -0.71 -25.44
CA ASP A 74 -20.44 0.38 -24.71
C ASP A 74 -19.38 1.41 -24.29
N PRO A 75 -19.47 2.66 -24.82
CA PRO A 75 -18.50 3.69 -24.45
C PRO A 75 -18.46 3.99 -22.94
N ALA A 76 -19.50 3.59 -22.21
CA ALA A 76 -19.53 3.77 -20.74
C ALA A 76 -18.45 2.95 -20.04
N LEU A 77 -17.89 1.97 -20.74
CA LEU A 77 -16.81 1.15 -20.20
C LEU A 77 -15.44 1.81 -20.28
N ASN A 78 -15.34 2.83 -21.13
CA ASN A 78 -14.05 3.54 -21.34
C ASN A 78 -13.39 3.85 -20.02
N ARG A 79 -12.13 3.43 -19.91
CA ARG A 79 -11.31 3.59 -18.68
C ARG A 79 -10.15 4.59 -18.75
N ALA A 80 -9.67 4.90 -19.96
CA ALA A 80 -8.44 5.74 -20.09
C ALA A 80 -8.51 7.09 -19.39
N GLU A 81 -9.61 7.83 -19.56
CA GLU A 81 -9.72 9.18 -18.95
C GLU A 81 -9.86 9.11 -17.43
N VAL A 82 -10.61 8.12 -16.98
CA VAL A 82 -10.78 7.81 -15.55
C VAL A 82 -9.43 7.52 -14.92
N LEU A 83 -8.65 6.67 -15.59
CA LEU A 83 -7.30 6.33 -15.12
C LEU A 83 -6.38 7.52 -15.03
N ALA A 84 -6.41 8.38 -16.05
CA ALA A 84 -5.65 9.63 -16.04
C ALA A 84 -5.96 10.47 -14.79
N ARG A 85 -7.24 10.59 -14.46
CA ARG A 85 -7.66 11.35 -13.27
C ARG A 85 -7.14 10.71 -11.98
N ASP A 86 -7.16 9.38 -11.93
CA ASP A 86 -6.61 8.63 -10.79
C ASP A 86 -5.12 8.88 -10.68
N LEU A 87 -4.43 8.87 -11.82
CA LEU A 87 -2.98 9.05 -11.84
C LEU A 87 -2.59 10.46 -11.43
N ASP A 88 -3.40 11.43 -11.84
CA ASP A 88 -3.19 12.82 -11.40
C ASP A 88 -3.17 12.90 -9.87
N LYS A 89 -4.12 12.21 -9.24
CA LYS A 89 -4.24 12.24 -7.77
C LYS A 89 -3.13 11.44 -7.10
N LEU A 90 -2.83 10.27 -7.68
CA LEU A 90 -1.84 9.37 -7.10
C LEU A 90 -0.46 10.02 -7.16
N ASN A 91 -0.13 10.59 -8.32
CA ASN A 91 1.18 11.21 -8.52
C ASN A 91 1.30 12.64 -7.98
N GLY A 92 0.17 13.29 -7.74
CA GLY A 92 0.14 14.67 -7.19
C GLY A 92 0.40 15.79 -8.19
N SER A 93 0.58 15.43 -9.46
CA SER A 93 0.77 16.40 -10.54
C SER A 93 0.50 15.71 -11.87
N SER A 94 0.67 16.45 -12.96
CA SER A 94 0.56 15.90 -14.32
C SER A 94 1.90 15.37 -14.86
N GLU A 95 2.95 15.39 -14.02
CA GLU A 95 4.32 14.96 -14.40
C GLU A 95 4.39 13.59 -15.08
N TRP A 96 3.46 12.71 -14.72
CA TRP A 96 3.53 11.32 -15.14
C TRP A 96 3.39 11.16 -16.65
N ARG A 97 2.65 12.08 -17.28
CA ARG A 97 2.43 12.02 -18.72
C ARG A 97 3.74 12.12 -19.54
N SER A 98 4.70 12.90 -19.03
CA SER A 98 6.00 13.08 -19.68
C SER A 98 6.99 12.00 -19.29
N ARG A 99 6.81 11.43 -18.09
CA ARG A 99 7.70 10.42 -17.55
C ARG A 99 7.41 8.99 -18.07
N ILE A 100 6.14 8.61 -18.15
CA ILE A 100 5.83 7.20 -18.30
C ILE A 100 6.08 6.63 -19.69
N THR A 101 6.55 5.40 -19.72
CA THR A 101 6.85 4.72 -20.97
C THR A 101 6.50 3.23 -20.84
N ALA A 102 6.11 2.60 -21.96
CA ALA A 102 5.66 1.21 -21.94
C ALA A 102 6.78 0.22 -21.59
N SER A 103 6.51 -0.71 -20.67
CA SER A 103 7.40 -1.85 -20.41
C SER A 103 7.47 -2.75 -21.66
N PRO A 104 8.45 -3.69 -21.73
CA PRO A 104 8.50 -4.51 -22.94
C PRO A 104 7.22 -5.30 -23.25
N ALA A 105 6.55 -5.79 -22.21
CA ALA A 105 5.25 -6.50 -22.40
C ALA A 105 4.20 -5.56 -22.93
N VAL A 106 4.20 -4.33 -22.40
CA VAL A 106 3.19 -3.33 -22.83
C VAL A 106 3.42 -2.89 -24.27
N ILE A 107 4.69 -2.78 -24.67
CA ILE A 107 5.00 -2.51 -26.07
C ILE A 107 4.35 -3.57 -26.97
N ASP A 108 4.52 -4.84 -26.61
CA ASP A 108 3.97 -5.94 -27.42
C ASP A 108 2.45 -5.92 -27.46
N TYR A 109 1.87 -5.67 -26.29
CA TYR A 109 0.42 -5.61 -26.09
C TYR A 109 -0.15 -4.46 -26.93
N VAL A 110 0.45 -3.28 -26.81
CA VAL A 110 0.03 -2.10 -27.60
C VAL A 110 0.21 -2.34 -29.10
N ASN A 111 1.34 -2.90 -29.50
CA ASN A 111 1.54 -3.25 -30.90
C ASN A 111 0.42 -4.11 -31.45
N ARG A 112 0.03 -5.12 -30.68
CA ARG A 112 -1.06 -5.98 -31.13
C ARG A 112 -2.37 -5.22 -31.23
N LEU A 113 -2.64 -4.36 -30.25
CA LEU A 113 -3.89 -3.57 -30.25
C LEU A 113 -3.92 -2.60 -31.43
N GLU A 114 -2.78 -2.01 -31.73
CA GLU A 114 -2.65 -1.13 -32.90
C GLU A 114 -2.85 -1.88 -34.23
N GLU A 115 -2.41 -3.14 -34.27
CA GLU A 115 -2.63 -3.99 -35.44
C GLU A 115 -4.11 -4.31 -35.65
N ILE A 116 -4.80 -4.62 -34.55
CA ILE A 116 -6.26 -4.84 -34.53
C ILE A 116 -7.04 -3.59 -34.98
N ARG A 117 -6.66 -2.42 -34.47
CA ARG A 117 -7.21 -1.15 -34.92
C ARG A 117 -7.06 -0.99 -36.43
N ASP A 118 -5.81 -1.10 -36.91
CA ASP A 118 -5.50 -0.83 -38.32
C ASP A 118 -6.16 -1.85 -39.26
N ASN A 119 -6.32 -3.08 -38.79
CA ASN A 119 -6.98 -4.13 -39.59
C ASN A 119 -8.49 -4.14 -39.38
N VAL A 120 -8.93 -3.26 -38.46
CA VAL A 120 -10.32 -3.23 -37.99
C VAL A 120 -10.84 -4.67 -37.79
N ASP A 121 -10.08 -5.39 -36.98
CA ASP A 121 -10.33 -6.81 -36.73
C ASP A 121 -11.34 -6.98 -35.60
N GLY A 122 -12.62 -7.11 -35.97
CA GLY A 122 -13.68 -7.18 -34.97
C GLY A 122 -13.59 -8.32 -33.98
N PRO A 123 -13.54 -9.56 -34.49
CA PRO A 123 -13.37 -10.73 -33.61
C PRO A 123 -12.18 -10.60 -32.64
N ALA A 124 -11.01 -10.18 -33.13
CA ALA A 124 -9.86 -10.07 -32.21
C ALA A 124 -10.10 -8.97 -31.16
N LEU A 125 -10.71 -7.86 -31.59
CA LEU A 125 -11.04 -6.78 -30.65
C LEU A 125 -11.99 -7.27 -29.53
N VAL A 126 -13.04 -8.00 -29.90
CA VAL A 126 -13.95 -8.51 -28.89
C VAL A 126 -13.26 -9.38 -27.81
N ALA A 127 -12.29 -10.18 -28.25
CA ALA A 127 -11.47 -10.99 -27.33
C ALA A 127 -10.75 -10.12 -26.31
N HIS A 128 -10.11 -9.05 -26.76
CA HIS A 128 -9.45 -8.09 -25.88
C HIS A 128 -10.42 -7.34 -24.95
N HIS A 129 -11.59 -7.03 -25.47
CA HIS A 129 -12.66 -6.33 -24.73
C HIS A 129 -13.15 -7.23 -23.57
N TYR A 130 -13.40 -8.51 -23.87
CA TYR A 130 -13.71 -9.51 -22.84
C TYR A 130 -12.68 -9.58 -21.71
N VAL A 131 -11.42 -9.80 -22.08
CA VAL A 131 -10.37 -9.98 -21.09
C VAL A 131 -10.25 -8.77 -20.15
N ARG A 132 -10.28 -7.56 -20.71
CA ARG A 132 -10.14 -6.33 -19.91
C ARG A 132 -11.44 -5.98 -19.21
N TYR A 133 -12.47 -5.62 -19.96
CA TYR A 133 -13.67 -5.07 -19.36
C TYR A 133 -14.52 -6.08 -18.57
N LEU A 134 -14.71 -7.30 -19.08
CA LEU A 134 -15.51 -8.24 -18.27
C LEU A 134 -14.72 -8.65 -17.03
N GLY A 135 -13.40 -8.77 -17.16
CA GLY A 135 -12.52 -8.90 -16.01
C GLY A 135 -12.66 -7.78 -14.99
N ASP A 136 -12.66 -6.53 -15.46
CA ASP A 136 -12.79 -5.34 -14.61
C ASP A 136 -14.16 -5.35 -13.92
N LEU A 137 -15.21 -5.62 -14.68
CA LEU A 137 -16.57 -5.67 -14.11
C LEU A 137 -16.68 -6.74 -13.02
N SER A 138 -16.02 -7.88 -13.25
CA SER A 138 -16.14 -9.05 -12.40
C SER A 138 -15.36 -8.89 -11.11
N GLY A 139 -14.16 -8.31 -11.19
CA GLY A 139 -13.21 -8.40 -10.05
C GLY A 139 -12.55 -7.13 -9.55
N GLY A 140 -12.90 -6.00 -10.17
CA GLY A 140 -12.27 -4.71 -9.81
C GLY A 140 -12.43 -4.28 -8.35
N GLN A 141 -13.61 -4.51 -7.76
CA GLN A 141 -13.87 -4.11 -6.33
C GLN A 141 -13.01 -4.85 -5.27
N VAL A 142 -12.60 -6.10 -5.57
CA VAL A 142 -11.63 -6.79 -4.72
C VAL A 142 -10.29 -6.03 -4.67
N ILE A 143 -9.80 -5.64 -5.85
CA ILE A 143 -8.52 -4.93 -5.93
C ILE A 143 -8.61 -3.58 -5.25
N ALA A 144 -9.69 -2.86 -5.51
CA ALA A 144 -9.91 -1.56 -4.85
C ALA A 144 -9.89 -1.63 -3.32
N ARG A 145 -10.64 -2.59 -2.77
CA ARG A 145 -10.69 -2.83 -1.33
C ARG A 145 -9.29 -3.11 -0.78
N MET A 146 -8.52 -3.89 -1.54
CA MET A 146 -7.17 -4.25 -1.09
C MET A 146 -6.24 -3.04 -1.12
N MET A 147 -6.43 -2.15 -2.10
CA MET A 147 -5.57 -0.97 -2.15
C MET A 147 -5.84 -0.02 -1.01
N GLN A 148 -7.10 0.10 -0.62
CA GLN A 148 -7.45 0.86 0.58
C GLN A 148 -6.94 0.20 1.86
N ARG A 149 -7.18 -1.11 2.00
CA ARG A 149 -6.80 -1.83 3.20
C ARG A 149 -5.27 -1.81 3.39
N HIS A 150 -4.53 -2.06 2.31
CA HIS A 150 -3.09 -2.21 2.46
C HIS A 150 -2.31 -0.93 2.32
N TYR A 151 -2.73 -0.06 1.42
CA TYR A 151 -1.92 1.11 1.06
C TYR A 151 -2.60 2.44 1.28
N GLY A 152 -3.77 2.44 1.92
CA GLY A 152 -4.42 3.71 2.26
C GLY A 152 -4.78 4.58 1.07
N VAL A 153 -4.98 3.97 -0.10
CA VAL A 153 -5.34 4.73 -1.30
C VAL A 153 -6.69 5.45 -1.15
N ASP A 154 -6.72 6.74 -1.47
CA ASP A 154 -7.93 7.56 -1.42
C ASP A 154 -8.96 6.92 -2.37
N PRO A 155 -10.19 6.65 -1.89
CA PRO A 155 -11.24 6.13 -2.79
C PRO A 155 -11.48 7.00 -4.03
N GLU A 156 -11.25 8.31 -3.94
CA GLU A 156 -11.37 9.17 -5.13
C GLU A 156 -10.29 8.88 -6.20
N ALA A 157 -9.24 8.17 -5.79
CA ALA A 157 -8.15 7.78 -6.69
C ALA A 157 -8.28 6.33 -7.16
N LEU A 158 -9.46 5.76 -6.95
CA LEU A 158 -9.78 4.44 -7.43
C LEU A 158 -10.94 4.47 -8.43
N GLY A 159 -11.06 5.58 -9.17
CA GLY A 159 -12.15 5.77 -10.15
C GLY A 159 -12.14 4.67 -11.18
N PHE A 160 -10.95 4.14 -11.48
CA PHE A 160 -10.78 3.05 -12.46
C PHE A 160 -11.72 1.86 -12.15
N TYR A 161 -11.93 1.59 -10.86
CA TYR A 161 -12.66 0.39 -10.40
C TYR A 161 -14.17 0.60 -10.24
N HIS A 162 -14.65 1.77 -10.62
CA HIS A 162 -16.06 2.11 -10.54
C HIS A 162 -16.55 2.54 -11.92
N PHE A 163 -17.67 1.97 -12.35
CA PHE A 163 -18.29 2.32 -13.62
C PHE A 163 -19.50 3.22 -13.35
N GLU A 164 -19.32 4.53 -13.53
CA GLU A 164 -20.35 5.51 -13.20
C GLU A 164 -21.62 5.28 -14.03
N GLY A 165 -21.42 4.87 -15.28
CA GLY A 165 -22.53 4.69 -16.21
C GLY A 165 -23.38 3.46 -15.95
N ILE A 166 -22.98 2.63 -15.00
CA ILE A 166 -23.63 1.33 -14.78
C ILE A 166 -24.30 1.21 -13.40
N ALA A 167 -25.62 1.23 -13.40
CA ALA A 167 -26.43 1.19 -12.17
C ALA A 167 -26.68 -0.22 -11.64
N LYS A 168 -26.92 -1.18 -12.53
CA LYS A 168 -27.15 -2.57 -12.13
C LYS A 168 -26.03 -3.49 -12.65
N LEU A 169 -25.01 -3.65 -11.83
CA LEU A 169 -23.79 -4.38 -12.20
C LEU A 169 -24.01 -5.86 -12.53
N LYS A 170 -24.78 -6.56 -11.68
CA LYS A 170 -25.07 -7.99 -11.90
C LYS A 170 -25.80 -8.21 -13.23
N VAL A 171 -26.85 -7.42 -13.47
CA VAL A 171 -27.62 -7.44 -14.71
C VAL A 171 -26.74 -7.10 -15.93
N TYR A 172 -25.89 -6.08 -15.78
CA TYR A 172 -24.98 -5.67 -16.85
C TYR A 172 -24.06 -6.81 -17.31
N LYS A 173 -23.48 -7.52 -16.34
CA LYS A 173 -22.54 -8.61 -16.64
C LYS A 173 -23.30 -9.75 -17.34
N ASP A 174 -24.51 -10.05 -16.88
CA ASP A 174 -25.33 -11.06 -17.52
C ASP A 174 -25.65 -10.67 -18.98
N GLU A 175 -26.06 -9.42 -19.17
CA GLU A 175 -26.40 -8.95 -20.50
C GLU A 175 -25.17 -8.86 -21.42
N TYR A 176 -24.02 -8.55 -20.83
CA TYR A 176 -22.74 -8.61 -21.56
C TYR A 176 -22.47 -10.03 -22.12
N ARG A 177 -22.56 -11.05 -21.27
CA ARG A 177 -22.35 -12.43 -21.72
C ARG A 177 -23.36 -12.86 -22.80
N GLU A 178 -24.59 -12.39 -22.65
CA GLU A 178 -25.65 -12.68 -23.60
C GLU A 178 -25.36 -12.04 -24.97
N LYS A 179 -24.79 -10.83 -24.95
CA LYS A 179 -24.33 -10.18 -26.16
C LYS A 179 -23.23 -10.99 -26.88
N LEU A 180 -22.30 -11.54 -26.12
CA LEU A 180 -21.29 -12.45 -26.66
C LEU A 180 -21.93 -13.65 -27.33
N ASN A 181 -22.86 -14.27 -26.61
CA ASN A 181 -23.60 -15.44 -27.12
C ASN A 181 -24.36 -15.16 -28.42
N ASN A 182 -24.78 -13.92 -28.59
CA ASN A 182 -25.60 -13.54 -29.74
C ASN A 182 -24.85 -12.92 -30.92
N LEU A 183 -23.52 -12.75 -30.79
CA LEU A 183 -22.71 -12.31 -31.92
C LEU A 183 -22.74 -13.31 -33.07
N GLU A 184 -23.02 -12.84 -34.28
CA GLU A 184 -22.93 -13.69 -35.47
C GLU A 184 -21.46 -13.80 -35.89
N LEU A 185 -20.93 -15.02 -35.80
CA LEU A 185 -19.53 -15.29 -36.11
C LEU A 185 -19.41 -16.56 -36.95
N SER A 186 -18.68 -16.47 -38.06
CA SER A 186 -18.30 -17.68 -38.81
C SER A 186 -17.38 -18.54 -37.94
N ASP A 187 -17.15 -19.79 -38.33
CA ASP A 187 -16.15 -20.62 -37.64
C ASP A 187 -14.76 -19.98 -37.62
N GLU A 188 -14.32 -19.41 -38.76
CA GLU A 188 -13.02 -18.73 -38.82
C GLU A 188 -12.92 -17.58 -37.83
N GLN A 189 -13.96 -16.74 -37.80
CA GLN A 189 -13.99 -15.60 -36.88
C GLN A 189 -14.02 -16.06 -35.41
N ARG A 190 -14.82 -17.09 -35.12
CA ARG A 190 -14.90 -17.58 -33.75
C ARG A 190 -13.55 -18.13 -33.29
N GLU A 191 -12.90 -18.91 -34.16
CA GLU A 191 -11.59 -19.51 -33.81
C GLU A 191 -10.51 -18.44 -33.62
N HIS A 192 -10.57 -17.41 -34.47
CA HIS A 192 -9.69 -16.25 -34.38
C HIS A 192 -9.87 -15.52 -33.05
N LEU A 193 -11.13 -15.33 -32.66
CA LEU A 193 -11.48 -14.68 -31.39
C LEU A 193 -10.99 -15.49 -30.19
N LEU A 194 -11.26 -16.79 -30.19
CA LEU A 194 -10.83 -17.65 -29.08
C LEU A 194 -9.33 -17.65 -28.93
N LYS A 195 -8.61 -17.76 -30.05
CA LYS A 195 -7.13 -17.75 -29.98
C LYS A 195 -6.66 -16.40 -29.42
N GLU A 196 -7.24 -15.32 -29.94
CA GLU A 196 -6.90 -13.98 -29.48
C GLU A 196 -7.09 -13.80 -27.97
N ALA A 197 -8.14 -14.41 -27.42
CA ALA A 197 -8.41 -14.31 -25.98
C ALA A 197 -7.28 -14.90 -25.14
N THR A 198 -6.75 -16.05 -25.56
CA THR A 198 -5.59 -16.63 -24.87
C THR A 198 -4.38 -15.70 -24.99
N ASP A 199 -4.14 -15.19 -26.19
CA ASP A 199 -3.01 -14.28 -26.41
C ASP A 199 -3.13 -13.06 -25.50
N ALA A 200 -4.36 -12.56 -25.31
CA ALA A 200 -4.61 -11.40 -24.44
C ALA A 200 -4.27 -11.68 -22.97
N PHE A 201 -4.63 -12.87 -22.48
CA PHE A 201 -4.29 -13.24 -21.12
C PHE A 201 -2.79 -13.32 -20.96
N VAL A 202 -2.13 -13.87 -21.97
CA VAL A 202 -0.67 -13.95 -21.99
C VAL A 202 0.00 -12.57 -21.90
N PHE A 203 -0.45 -11.62 -22.72
CA PHE A 203 0.10 -10.25 -22.67
C PHE A 203 -0.04 -9.72 -21.27
N ASN A 204 -1.22 -9.91 -20.69
CA ASN A 204 -1.45 -9.38 -19.33
C ASN A 204 -0.56 -10.00 -18.27
N HIS A 205 -0.35 -11.32 -18.37
CA HIS A 205 0.56 -12.02 -17.47
C HIS A 205 1.95 -11.37 -17.58
N GLN A 206 2.36 -11.10 -18.81
CA GLN A 206 3.72 -10.56 -19.06
C GLN A 206 3.85 -9.14 -18.52
N VAL A 207 2.78 -8.36 -18.61
CA VAL A 207 2.73 -7.04 -17.96
C VAL A 207 3.09 -7.14 -16.47
N PHE A 208 2.48 -8.10 -15.79
CA PHE A 208 2.72 -8.29 -14.35
C PHE A 208 4.15 -8.76 -14.14
N ALA A 209 4.62 -9.61 -15.03
CA ALA A 209 6.01 -10.13 -14.91
C ALA A 209 7.03 -8.97 -14.94
N ASP A 210 6.81 -8.02 -15.84
CA ASP A 210 7.68 -6.84 -15.95
C ASP A 210 7.61 -5.97 -14.70
N LEU A 211 6.39 -5.77 -14.20
CA LEU A 211 6.17 -4.92 -13.02
C LEU A 211 6.86 -5.49 -11.77
N GLY A 212 6.97 -6.82 -11.72
CA GLY A 212 7.55 -7.48 -10.57
C GLY A 212 9.07 -7.59 -10.58
N LYS A 213 9.71 -7.17 -11.68
CA LYS A 213 11.19 -7.23 -11.75
C LYS A 213 11.85 -6.28 -10.74
N GLY A 214 12.79 -6.81 -9.96
CA GLY A 214 13.47 -6.01 -8.94
C GLY A 214 12.60 -5.64 -7.76
N LEU A 215 11.57 -6.45 -7.51
CA LEU A 215 10.81 -6.38 -6.25
C LEU A 215 10.99 -7.68 -5.47
N GLY B 7 -14.76 -2.04 21.06
CA GLY B 7 -14.31 -0.92 20.17
C GLY B 7 -12.91 -1.03 19.59
N LEU B 8 -12.47 0.05 18.95
CA LEU B 8 -11.18 0.04 18.26
C LEU B 8 -9.99 -0.25 19.16
N ALA B 9 -9.93 0.39 20.33
CA ALA B 9 -8.75 0.21 21.19
C ALA B 9 -8.52 -1.28 21.54
N VAL B 10 -9.61 -1.98 21.82
CA VAL B 10 -9.56 -3.41 22.13
C VAL B 10 -9.18 -4.25 20.90
N GLU B 11 -9.84 -3.97 19.76
CA GLU B 11 -9.53 -4.70 18.53
C GLU B 11 -8.07 -4.51 18.10
N LEU B 12 -7.59 -3.28 18.25
CA LEU B 12 -6.21 -2.95 17.97
C LEU B 12 -5.24 -3.77 18.81
N LYS B 13 -5.49 -3.85 20.11
CA LYS B 13 -4.68 -4.67 21.00
C LYS B 13 -4.71 -6.14 20.57
N GLN B 14 -5.89 -6.65 20.31
CA GLN B 14 -6.08 -8.07 19.95
C GLN B 14 -5.51 -8.39 18.57
N SER B 15 -5.77 -7.53 17.61
CA SER B 15 -5.30 -7.70 16.23
C SER B 15 -3.79 -7.78 16.13
N THR B 16 -3.10 -7.01 16.98
CA THR B 16 -1.63 -6.90 16.93
C THR B 16 -0.92 -7.82 17.92
N ALA B 17 -1.68 -8.62 18.65
CA ALA B 17 -1.12 -9.44 19.73
C ALA B 17 0.09 -10.30 19.34
N GLN B 18 -0.03 -11.03 18.25
CA GLN B 18 1.03 -11.92 17.80
C GLN B 18 2.35 -11.16 17.51
N ALA B 19 2.29 -10.17 16.61
CA ALA B 19 3.47 -9.38 16.26
C ALA B 19 4.04 -8.64 17.46
N HIS B 20 3.16 -8.13 18.32
CA HIS B 20 3.55 -7.40 19.52
C HIS B 20 4.33 -8.32 20.47
N GLU B 21 3.80 -9.51 20.74
CA GLU B 21 4.48 -10.46 21.62
C GLU B 21 5.90 -10.78 21.07
N LYS B 22 6.00 -11.01 19.76
CA LYS B 22 7.31 -11.32 19.16
C LYS B 22 8.26 -10.14 19.27
N ALA B 23 7.73 -8.94 19.11
CA ALA B 23 8.51 -7.72 19.18
C ALA B 23 9.09 -7.52 20.60
N GLU B 24 8.31 -7.86 21.62
CA GLU B 24 8.74 -7.76 23.04
C GLU B 24 9.66 -8.89 23.51
N HIS B 25 9.82 -9.93 22.69
CA HIS B 25 10.69 -11.04 23.05
C HIS B 25 11.99 -11.06 22.27
N SER B 26 12.33 -9.93 21.64
CA SER B 26 13.58 -9.87 20.87
C SER B 26 14.73 -10.14 21.84
N THR B 27 15.76 -10.82 21.36
CA THR B 27 16.89 -11.14 22.22
C THR B 27 17.63 -9.86 22.62
N PHE B 28 17.76 -8.91 21.70
CA PHE B 28 18.45 -7.67 22.02
C PHE B 28 17.77 -6.94 23.18
N MET B 29 16.47 -6.74 23.05
CA MET B 29 15.76 -6.01 24.09
C MET B 29 15.66 -6.76 25.40
N SER B 30 15.46 -8.08 25.32
CA SER B 30 15.37 -8.90 26.53
C SER B 30 16.70 -8.82 27.29
N ASP B 31 17.81 -9.02 26.57
CA ASP B 31 19.14 -8.91 27.17
C ASP B 31 19.42 -7.52 27.74
N LEU B 32 19.03 -6.49 27.01
CA LEU B 32 19.27 -5.14 27.47
C LEU B 32 18.60 -4.89 28.83
N LEU B 33 17.30 -5.23 28.89
CA LEU B 33 16.51 -4.93 30.09
C LEU B 33 16.87 -5.77 31.32
N LYS B 34 17.39 -6.99 31.10
CA LYS B 34 17.75 -7.84 32.23
C LYS B 34 19.19 -7.61 32.71
N GLY B 35 19.89 -6.66 32.08
CA GLY B 35 21.25 -6.30 32.56
C GLY B 35 22.42 -7.00 31.90
N ARG B 36 22.15 -7.66 30.77
CA ARG B 36 23.18 -8.45 30.09
C ARG B 36 24.05 -7.68 29.07
N LEU B 37 23.63 -6.47 28.72
CA LEU B 37 24.35 -5.63 27.76
C LEU B 37 25.00 -4.47 28.50
N GLY B 38 24.72 -3.24 28.07
CA GLY B 38 25.39 -2.09 28.69
C GLY B 38 25.00 -0.77 28.09
N VAL B 39 25.57 0.31 28.62
CA VAL B 39 25.29 1.65 28.12
C VAL B 39 25.56 1.79 26.60
N ALA B 40 26.59 1.11 26.11
CA ALA B 40 26.97 1.20 24.71
C ALA B 40 25.80 0.75 23.85
N GLU B 41 25.24 -0.42 24.18
CA GLU B 41 24.10 -0.98 23.41
C GLU B 41 22.87 -0.10 23.51
N PHE B 42 22.65 0.40 24.72
CA PHE B 42 21.54 1.34 24.95
C PHE B 42 21.69 2.57 24.02
N THR B 43 22.92 3.08 23.95
CA THR B 43 23.23 4.22 23.07
C THR B 43 22.98 3.90 21.59
N ARG B 44 23.46 2.73 21.12
CA ARG B 44 23.15 2.27 19.73
C ARG B 44 21.63 2.27 19.46
N LEU B 45 20.86 1.80 20.44
CA LEU B 45 19.39 1.76 20.33
C LEU B 45 18.84 3.16 20.12
N GLN B 46 19.27 4.09 20.98
CA GLN B 46 18.77 5.45 20.95
C GLN B 46 19.18 6.26 19.70
N GLU B 47 20.34 5.96 19.14
CA GLU B 47 20.80 6.50 17.86
C GLU B 47 19.85 6.06 16.72
N GLN B 48 19.53 4.77 16.66
CA GLN B 48 18.53 4.33 15.65
C GLN B 48 17.16 4.96 15.92
N ALA B 49 16.74 5.00 17.19
CA ALA B 49 15.46 5.63 17.53
C ALA B 49 15.41 7.11 17.08
N TRP B 50 16.50 7.85 17.22
CA TRP B 50 16.50 9.25 16.76
C TRP B 50 16.15 9.35 15.27
N LEU B 51 16.75 8.48 14.48
CA LEU B 51 16.43 8.42 13.05
C LEU B 51 14.94 8.16 12.78
N PHE B 52 14.35 7.15 13.44
CA PHE B 52 12.96 6.83 13.10
C PHE B 52 11.97 7.76 13.77
N TYR B 53 12.29 8.28 14.98
CA TYR B 53 11.41 9.33 15.57
C TYR B 53 11.41 10.60 14.73
N THR B 54 12.55 10.94 14.14
CA THR B 54 12.60 12.12 13.29
C THR B 54 11.64 11.96 12.10
N ALA B 55 11.69 10.80 11.45
CA ALA B 55 10.75 10.45 10.38
C ALA B 55 9.27 10.39 10.83
N LEU B 56 9.03 9.68 11.93
CA LEU B 56 7.70 9.60 12.53
C LEU B 56 7.10 10.99 12.76
N GLU B 57 7.89 11.90 13.34
CA GLU B 57 7.35 13.21 13.71
C GLU B 57 7.11 14.13 12.49
N GLN B 58 7.84 13.92 11.40
CA GLN B 58 7.51 14.58 10.11
C GLN B 58 6.17 14.07 9.60
N ALA B 59 5.94 12.76 9.73
CA ALA B 59 4.64 12.19 9.31
C ALA B 59 3.52 12.69 10.21
N VAL B 60 3.75 12.68 11.53
CA VAL B 60 2.72 13.23 12.44
C VAL B 60 2.40 14.68 12.09
N ASP B 61 3.42 15.50 11.84
CA ASP B 61 3.21 16.92 11.51
C ASP B 61 2.31 17.11 10.28
N ALA B 62 2.59 16.30 9.25
CA ALA B 62 1.82 16.33 7.99
C ALA B 62 0.35 15.91 8.21
N VAL B 63 0.13 14.84 8.98
CA VAL B 63 -1.27 14.37 9.21
C VAL B 63 -2.01 15.35 10.12
N ARG B 64 -1.34 15.82 11.18
CA ARG B 64 -1.97 16.81 12.04
C ARG B 64 -2.36 18.04 11.23
N ALA B 65 -1.46 18.53 10.39
CA ALA B 65 -1.73 19.71 9.57
C ALA B 65 -2.95 19.48 8.65
N SER B 66 -3.12 18.24 8.21
CA SER B 66 -4.22 17.91 7.28
C SER B 66 -5.60 17.92 7.96
N GLY B 67 -5.56 17.89 9.30
CA GLY B 67 -6.76 18.01 10.11
C GLY B 67 -7.31 16.67 10.59
N PHE B 68 -6.53 15.60 10.43
CA PHE B 68 -6.98 14.25 10.82
C PHE B 68 -6.45 13.88 12.21
N ALA B 69 -7.37 13.38 13.05
CA ALA B 69 -7.01 12.89 14.38
C ALA B 69 -6.27 13.94 15.23
N GLU B 70 -6.67 15.21 15.08
CA GLU B 70 -5.99 16.32 15.74
C GLU B 70 -5.74 16.07 17.24
N SER B 71 -6.80 15.70 17.96
CA SER B 71 -6.72 15.55 19.43
C SER B 71 -5.81 14.42 19.89
N LEU B 72 -5.62 13.38 19.05
CA LEU B 72 -4.65 12.33 19.39
C LEU B 72 -3.20 12.75 19.23
N LEU B 73 -2.95 13.62 18.26
CA LEU B 73 -1.57 13.93 17.84
C LEU B 73 -0.97 15.08 18.67
N ASP B 74 -0.85 14.83 19.97
CA ASP B 74 -0.44 15.78 20.99
C ASP B 74 1.01 16.12 20.73
N PRO B 75 1.29 17.41 20.44
CA PRO B 75 2.71 17.75 20.20
C PRO B 75 3.59 17.56 21.43
N ALA B 76 2.99 17.46 22.61
CA ALA B 76 3.81 17.20 23.82
C ALA B 76 4.55 15.87 23.73
N LEU B 77 4.08 14.96 22.87
CA LEU B 77 4.69 13.64 22.76
C LEU B 77 6.01 13.64 21.96
N ASN B 78 6.27 14.73 21.22
CA ASN B 78 7.45 14.78 20.32
C ASN B 78 8.70 14.37 21.10
N ARG B 79 9.46 13.40 20.55
CA ARG B 79 10.69 12.88 21.18
C ARG B 79 12.01 13.26 20.52
N ALA B 80 11.99 13.67 19.25
CA ALA B 80 13.27 13.79 18.51
C ALA B 80 14.28 14.74 19.16
N GLU B 81 13.83 15.94 19.54
CA GLU B 81 14.75 16.93 20.13
C GLU B 81 15.28 16.45 21.47
N VAL B 82 14.40 15.86 22.28
CA VAL B 82 14.78 15.34 23.60
C VAL B 82 15.84 14.24 23.45
N LEU B 83 15.60 13.34 22.50
CA LEU B 83 16.52 12.23 22.20
C LEU B 83 17.89 12.75 21.76
N ALA B 84 17.89 13.78 20.93
CA ALA B 84 19.18 14.37 20.49
C ALA B 84 19.99 14.82 21.71
N ARG B 85 19.33 15.45 22.66
CA ARG B 85 20.02 15.89 23.89
C ARG B 85 20.52 14.71 24.72
N ASP B 86 19.71 13.63 24.80
CA ASP B 86 20.19 12.39 25.43
C ASP B 86 21.44 11.86 24.74
N LEU B 87 21.47 11.90 23.41
CA LEU B 87 22.62 11.36 22.66
C LEU B 87 23.87 12.20 22.82
N ASP B 88 23.68 13.52 22.94
CA ASP B 88 24.79 14.45 23.25
C ASP B 88 25.41 14.04 24.58
N LYS B 89 24.57 13.70 25.55
CA LYS B 89 25.06 13.31 26.87
C LYS B 89 25.71 11.94 26.85
N LEU B 90 25.08 10.97 26.19
CA LEU B 90 25.64 9.62 26.09
C LEU B 90 26.96 9.55 25.31
N ASN B 91 27.08 10.37 24.26
CA ASN B 91 28.26 10.31 23.37
C ASN B 91 29.33 11.36 23.72
N GLY B 92 28.96 12.35 24.53
CA GLY B 92 29.90 13.36 25.03
C GLY B 92 30.05 14.59 24.14
N SER B 93 29.50 14.50 22.92
CA SER B 93 29.48 15.61 21.96
C SER B 93 28.46 15.31 20.88
N SER B 94 28.40 16.21 19.89
CA SER B 94 27.50 16.09 18.73
C SER B 94 28.09 15.22 17.62
N GLU B 95 29.21 14.55 17.89
CA GLU B 95 29.89 13.72 16.90
C GLU B 95 28.97 12.68 16.25
N TRP B 96 28.00 12.21 17.04
CA TRP B 96 27.11 11.13 16.61
C TRP B 96 26.34 11.47 15.35
N ARG B 97 26.02 12.75 15.18
CA ARG B 97 25.26 13.24 14.03
C ARG B 97 25.87 12.85 12.68
N SER B 98 27.18 13.00 12.55
CA SER B 98 27.84 12.67 11.29
C SER B 98 28.37 11.22 11.26
N ARG B 99 28.29 10.54 12.41
CA ARG B 99 28.70 9.13 12.51
C ARG B 99 27.58 8.13 12.20
N ILE B 100 26.40 8.34 12.78
CA ILE B 100 25.38 7.29 12.72
C ILE B 100 24.83 7.06 11.31
N THR B 101 24.38 5.83 11.05
CA THR B 101 23.67 5.51 9.81
C THR B 101 22.57 4.54 10.14
N ALA B 102 21.46 4.65 9.41
CA ALA B 102 20.34 3.76 9.62
C ALA B 102 20.71 2.33 9.29
N SER B 103 20.33 1.41 10.19
CA SER B 103 20.43 -0.02 9.93
C SER B 103 19.49 -0.39 8.76
N PRO B 104 19.72 -1.56 8.14
CA PRO B 104 18.78 -2.00 7.10
C PRO B 104 17.33 -1.94 7.59
N ALA B 105 17.06 -2.40 8.80
CA ALA B 105 15.68 -2.36 9.32
C ALA B 105 15.16 -0.93 9.48
N VAL B 106 16.03 -0.02 9.91
CA VAL B 106 15.61 1.37 10.12
C VAL B 106 15.36 2.03 8.77
N ILE B 107 16.16 1.68 7.77
CA ILE B 107 15.91 2.14 6.40
C ILE B 107 14.48 1.79 5.98
N ASP B 108 14.09 0.54 6.16
CA ASP B 108 12.72 0.12 5.77
C ASP B 108 11.64 0.87 6.56
N TYR B 109 11.88 1.04 7.86
CA TYR B 109 10.89 1.67 8.75
C TYR B 109 10.73 3.13 8.36
N VAL B 110 11.84 3.86 8.22
CA VAL B 110 11.84 5.23 7.75
C VAL B 110 11.15 5.37 6.39
N ASN B 111 11.44 4.45 5.47
CA ASN B 111 10.78 4.45 4.14
C ASN B 111 9.26 4.44 4.28
N ARG B 112 8.76 3.53 5.10
CA ARG B 112 7.33 3.47 5.38
C ARG B 112 6.80 4.79 5.93
N LEU B 113 7.51 5.35 6.92
CA LEU B 113 7.05 6.61 7.56
C LEU B 113 7.02 7.75 6.56
N GLU B 114 8.01 7.78 5.67
CA GLU B 114 8.05 8.78 4.61
C GLU B 114 6.93 8.57 3.59
N GLU B 115 6.61 7.32 3.30
CA GLU B 115 5.48 7.05 2.38
C GLU B 115 4.15 7.52 3.01
N ILE B 116 3.99 7.31 4.32
CA ILE B 116 2.84 7.76 5.08
C ILE B 116 2.71 9.29 5.07
N ARG B 117 3.85 9.96 5.27
CA ARG B 117 3.91 11.40 5.22
C ARG B 117 3.52 11.87 3.80
N ASP B 118 4.19 11.32 2.78
CA ASP B 118 3.98 11.75 1.40
C ASP B 118 2.55 11.57 0.91
N ASN B 119 1.90 10.49 1.33
CA ASN B 119 0.54 10.11 0.91
C ASN B 119 -0.48 10.66 1.92
N VAL B 120 0.02 11.39 2.94
CA VAL B 120 -0.82 11.92 4.03
C VAL B 120 -1.89 10.90 4.48
N ASP B 121 -1.37 9.76 4.90
CA ASP B 121 -2.16 8.59 5.25
C ASP B 121 -2.49 8.60 6.76
N GLY B 122 -3.59 9.28 7.10
CA GLY B 122 -3.99 9.46 8.49
C GLY B 122 -4.10 8.18 9.31
N PRO B 123 -4.94 7.23 8.86
CA PRO B 123 -5.09 5.94 9.60
C PRO B 123 -3.76 5.22 9.82
N ALA B 124 -2.92 5.14 8.79
CA ALA B 124 -1.59 4.52 8.92
C ALA B 124 -0.76 5.27 9.98
N LEU B 125 -0.78 6.59 9.95
CA LEU B 125 -0.01 7.36 10.91
C LEU B 125 -0.45 7.07 12.35
N VAL B 126 -1.77 7.01 12.58
CA VAL B 126 -2.30 6.74 13.91
C VAL B 126 -1.81 5.36 14.41
N ALA B 127 -1.78 4.36 13.53
CA ALA B 127 -1.26 3.03 13.88
C ALA B 127 0.20 3.15 14.39
N HIS B 128 1.03 3.91 13.65
CA HIS B 128 2.45 4.06 14.04
C HIS B 128 2.64 4.87 15.32
N HIS B 129 1.77 5.87 15.51
CA HIS B 129 1.78 6.73 16.67
C HIS B 129 1.45 5.88 17.92
N TYR B 130 0.41 5.05 17.82
CA TYR B 130 0.02 4.14 18.90
C TYR B 130 1.19 3.24 19.34
N VAL B 131 1.81 2.54 18.36
CA VAL B 131 2.87 1.58 18.60
C VAL B 131 4.04 2.25 19.34
N ARG B 132 4.46 3.44 18.88
CA ARG B 132 5.57 4.13 19.52
C ARG B 132 5.18 4.85 20.81
N TYR B 133 4.29 5.82 20.73
CA TYR B 133 4.08 6.67 21.89
C TYR B 133 3.35 5.96 23.02
N LEU B 134 2.37 5.12 22.69
CA LEU B 134 1.70 4.44 23.78
C LEU B 134 2.60 3.40 24.42
N GLY B 135 3.50 2.81 23.61
CA GLY B 135 4.62 1.95 24.08
C GLY B 135 5.53 2.70 25.03
N ASP B 136 5.92 3.92 24.64
CA ASP B 136 6.83 4.75 25.45
C ASP B 136 6.20 5.09 26.80
N LEU B 137 4.92 5.46 26.77
CA LEU B 137 4.19 5.85 27.99
C LEU B 137 3.94 4.67 28.92
N SER B 138 3.74 3.48 28.34
CA SER B 138 3.37 2.30 29.10
C SER B 138 4.52 1.61 29.82
N GLY B 139 5.62 1.44 29.10
CA GLY B 139 6.68 0.49 29.48
C GLY B 139 8.11 0.84 29.08
N GLY B 140 8.24 1.78 28.14
CA GLY B 140 9.49 2.54 28.05
C GLY B 140 9.86 3.06 29.44
N GLN B 141 8.87 3.17 30.32
CA GLN B 141 9.07 3.66 31.69
C GLN B 141 9.88 2.67 32.56
N VAL B 142 9.70 1.39 32.28
CA VAL B 142 10.47 0.31 32.92
C VAL B 142 11.92 0.36 32.41
N ILE B 143 12.07 0.66 31.12
CA ILE B 143 13.37 0.76 30.47
C ILE B 143 14.20 1.81 31.22
N ALA B 144 13.65 3.01 31.39
CA ALA B 144 14.44 4.10 32.07
C ALA B 144 14.94 3.66 33.44
N ARG B 145 14.07 3.03 34.22
CA ARG B 145 14.43 2.59 35.55
C ARG B 145 15.55 1.54 35.50
N MET B 146 15.42 0.60 34.57
CA MET B 146 16.41 -0.46 34.42
C MET B 146 17.76 0.01 33.84
N MET B 147 17.75 1.05 32.99
CA MET B 147 19.03 1.57 32.46
C MET B 147 19.81 2.24 33.59
N GLN B 148 19.10 2.91 34.49
CA GLN B 148 19.77 3.48 35.67
C GLN B 148 20.26 2.38 36.61
N ARG B 149 19.37 1.45 36.97
CA ARG B 149 19.74 0.41 37.94
C ARG B 149 20.80 -0.57 37.44
N HIS B 150 20.66 -1.04 36.21
CA HIS B 150 21.61 -2.01 35.68
C HIS B 150 22.93 -1.37 35.25
N TYR B 151 22.85 -0.24 34.56
CA TYR B 151 24.01 0.30 33.85
C TYR B 151 24.49 1.64 34.38
N GLY B 152 23.80 2.19 35.39
CA GLY B 152 24.16 3.47 35.98
C GLY B 152 24.05 4.63 34.99
N VAL B 153 23.15 4.53 34.03
CA VAL B 153 22.90 5.66 33.14
C VAL B 153 22.36 6.86 33.94
N ASP B 154 22.95 8.03 33.70
CA ASP B 154 22.51 9.25 34.36
C ASP B 154 21.13 9.63 33.85
N PRO B 155 20.20 9.89 34.78
CA PRO B 155 18.90 10.50 34.45
C PRO B 155 18.93 11.60 33.39
N GLU B 156 20.05 12.33 33.27
CA GLU B 156 20.17 13.37 32.22
C GLU B 156 20.27 12.81 30.79
N ALA B 157 20.54 11.50 30.66
CA ALA B 157 20.60 10.84 29.36
C ALA B 157 19.33 9.99 29.16
N LEU B 158 18.32 10.21 30.01
CA LEU B 158 17.07 9.43 29.94
C LEU B 158 15.85 10.34 29.76
N GLY B 159 16.05 11.54 29.20
CA GLY B 159 14.95 12.48 28.96
C GLY B 159 13.84 11.93 28.08
N PHE B 160 14.25 11.07 27.14
CA PHE B 160 13.37 10.40 26.18
C PHE B 160 12.18 9.77 26.91
N TYR B 161 12.47 9.21 28.07
CA TYR B 161 11.45 8.48 28.84
C TYR B 161 10.55 9.36 29.70
N HIS B 162 10.85 10.66 29.78
CA HIS B 162 10.09 11.59 30.60
C HIS B 162 9.31 12.50 29.69
N PHE B 163 7.99 12.57 29.88
CA PHE B 163 7.13 13.37 29.05
C PHE B 163 6.72 14.58 29.84
N GLU B 164 7.26 15.73 29.47
CA GLU B 164 6.94 17.01 30.10
C GLU B 164 5.54 17.47 29.73
N GLY B 165 4.86 18.08 30.70
CA GLY B 165 3.57 18.71 30.46
C GLY B 165 2.45 17.76 30.07
N ILE B 166 2.45 16.59 30.67
CA ILE B 166 1.44 15.58 30.39
C ILE B 166 0.65 15.18 31.66
N ALA B 167 -0.60 14.75 31.45
CA ALA B 167 -1.42 14.13 32.50
C ALA B 167 -0.74 12.91 33.11
N LYS B 168 -1.07 12.59 34.36
CA LYS B 168 -0.62 11.34 34.97
C LYS B 168 -0.82 10.23 33.95
N LEU B 169 0.15 9.33 33.86
CA LEU B 169 0.21 8.37 32.75
C LEU B 169 -1.05 7.52 32.59
N LYS B 170 -1.60 7.05 33.71
CA LYS B 170 -2.83 6.24 33.72
C LYS B 170 -3.98 6.97 33.02
N VAL B 171 -4.19 8.22 33.40
CA VAL B 171 -5.22 9.08 32.82
C VAL B 171 -4.96 9.32 31.33
N TYR B 172 -3.71 9.63 31.01
CA TYR B 172 -3.32 9.92 29.65
C TYR B 172 -3.64 8.72 28.73
N LYS B 173 -3.22 7.53 29.16
CA LYS B 173 -3.43 6.29 28.38
C LYS B 173 -4.93 6.03 28.17
N ASP B 174 -5.73 6.25 29.21
CA ASP B 174 -7.20 6.03 29.11
C ASP B 174 -7.86 7.00 28.12
N GLU B 175 -7.44 8.25 28.17
CA GLU B 175 -7.96 9.27 27.23
C GLU B 175 -7.55 9.00 25.79
N TYR B 176 -6.29 8.61 25.59
CA TYR B 176 -5.80 8.17 24.28
C TYR B 176 -6.70 7.07 23.71
N ARG B 177 -6.92 6.02 24.52
CA ARG B 177 -7.69 4.86 24.06
C ARG B 177 -9.15 5.26 23.79
N GLU B 178 -9.68 6.18 24.57
CA GLU B 178 -11.02 6.71 24.31
C GLU B 178 -11.07 7.52 23.01
N LYS B 179 -9.98 8.23 22.68
CA LYS B 179 -9.89 8.94 21.41
C LYS B 179 -9.87 7.98 20.23
N LEU B 180 -9.13 6.87 20.37
CA LEU B 180 -9.13 5.84 19.33
C LEU B 180 -10.55 5.33 19.12
N ASN B 181 -11.27 5.10 20.22
CA ASN B 181 -12.64 4.58 20.15
C ASN B 181 -13.63 5.55 19.48
N ASN B 182 -13.34 6.84 19.53
CA ASN B 182 -14.21 7.84 18.92
C ASN B 182 -13.73 8.40 17.58
N LEU B 183 -12.60 7.90 17.09
CA LEU B 183 -12.10 8.35 15.80
C LEU B 183 -13.01 7.85 14.67
N GLU B 184 -13.53 8.75 13.85
CA GLU B 184 -14.42 8.38 12.72
C GLU B 184 -13.59 7.76 11.58
N LEU B 185 -13.91 6.52 11.21
CA LEU B 185 -13.18 5.84 10.15
C LEU B 185 -14.13 5.07 9.26
N SER B 186 -13.85 5.01 7.98
CA SER B 186 -14.56 4.06 7.13
C SER B 186 -14.08 2.62 7.46
N ASP B 187 -14.84 1.63 7.01
CA ASP B 187 -14.42 0.24 7.22
C ASP B 187 -13.03 0.00 6.67
N GLU B 188 -12.77 0.52 5.48
CA GLU B 188 -11.46 0.33 4.83
C GLU B 188 -10.35 1.02 5.61
N GLN B 189 -10.60 2.24 6.08
CA GLN B 189 -9.59 2.98 6.89
C GLN B 189 -9.31 2.21 8.17
N ARG B 190 -10.35 1.66 8.78
CA ARG B 190 -10.18 0.89 10.03
C ARG B 190 -9.31 -0.37 9.76
N GLU B 191 -9.63 -1.12 8.71
CA GLU B 191 -8.81 -2.28 8.30
C GLU B 191 -7.37 -1.87 8.05
N HIS B 192 -7.18 -0.70 7.41
CA HIS B 192 -5.83 -0.18 7.10
C HIS B 192 -5.05 0.18 8.39
N LEU B 193 -5.71 0.87 9.30
CA LEU B 193 -5.15 1.17 10.63
C LEU B 193 -4.66 -0.13 11.33
N LEU B 194 -5.52 -1.13 11.31
CA LEU B 194 -5.19 -2.42 11.96
C LEU B 194 -4.00 -3.13 11.28
N LYS B 195 -4.01 -3.15 9.93
CA LYS B 195 -2.94 -3.72 9.11
CA LYS B 195 -2.92 -3.77 9.16
C LYS B 195 -1.62 -3.05 9.51
N GLU B 196 -1.65 -1.72 9.50
CA GLU B 196 -0.44 -0.94 9.67
C GLU B 196 0.14 -1.11 11.06
N ALA B 197 -0.73 -1.25 12.06
CA ALA B 197 -0.27 -1.46 13.44
C ALA B 197 0.56 -2.75 13.58
N THR B 198 0.13 -3.84 12.94
CA THR B 198 0.96 -5.05 12.92
C THR B 198 2.29 -4.78 12.22
N ASP B 199 2.26 -4.12 11.06
CA ASP B 199 3.49 -3.75 10.38
C ASP B 199 4.44 -2.97 11.29
N ALA B 200 3.88 -2.02 12.06
CA ALA B 200 4.69 -1.16 12.93
C ALA B 200 5.42 -2.01 14.00
N PHE B 201 4.72 -2.99 14.57
CA PHE B 201 5.38 -3.90 15.55
C PHE B 201 6.51 -4.69 14.90
N VAL B 202 6.24 -5.22 13.71
CA VAL B 202 7.24 -6.00 12.97
C VAL B 202 8.47 -5.12 12.65
N PHE B 203 8.24 -3.85 12.23
CA PHE B 203 9.34 -2.92 11.94
C PHE B 203 10.24 -2.78 13.17
N ASN B 204 9.60 -2.60 14.32
CA ASN B 204 10.32 -2.44 15.57
C ASN B 204 11.07 -3.70 15.98
N HIS B 205 10.43 -4.86 15.81
CA HIS B 205 11.14 -6.12 16.00
C HIS B 205 12.41 -6.21 15.13
N GLN B 206 12.32 -5.82 13.86
CA GLN B 206 13.46 -5.87 12.96
C GLN B 206 14.60 -4.91 13.36
N VAL B 207 14.23 -3.75 13.90
CA VAL B 207 15.20 -2.77 14.42
C VAL B 207 16.00 -3.44 15.55
N PHE B 208 15.30 -4.12 16.45
CA PHE B 208 15.99 -4.88 17.53
C PHE B 208 16.86 -6.01 16.96
N ALA B 209 16.34 -6.70 15.94
CA ALA B 209 17.10 -7.78 15.32
C ALA B 209 18.43 -7.23 14.81
N ASP B 210 18.41 -6.08 14.13
CA ASP B 210 19.64 -5.50 13.58
C ASP B 210 20.64 -5.08 14.66
N LEU B 211 20.13 -4.48 15.74
CA LEU B 211 20.94 -4.07 16.87
C LEU B 211 21.66 -5.26 17.50
N GLY B 212 21.00 -6.42 17.46
CA GLY B 212 21.56 -7.66 17.98
C GLY B 212 22.68 -8.22 17.11
N LYS B 213 22.76 -7.76 15.86
CA LYS B 213 23.81 -8.22 14.93
C LYS B 213 25.18 -7.66 15.31
N GLY B 214 25.22 -6.48 15.93
CA GLY B 214 26.44 -5.94 16.52
C GLY B 214 26.89 -6.77 17.73
S SO4 C . 5.23 -14.27 -12.73
O1 SO4 C . 5.30 -14.28 -11.27
O2 SO4 C . 6.53 -14.45 -13.35
O3 SO4 C . 4.77 -12.97 -13.20
O4 SO4 C . 4.35 -15.39 -13.10
S SO4 D . -24.67 -5.33 -32.86
O1 SO4 D . -24.87 -4.34 -31.81
O2 SO4 D . -24.01 -6.54 -32.35
O3 SO4 D . -23.85 -4.76 -33.94
O4 SO4 D . -25.97 -5.71 -33.41
NA NA E . -23.68 -11.91 -13.16
O2A TIL F . -17.55 -15.04 -18.40
CGA TIL F . -17.08 -14.68 -17.30
O1A TIL F . -17.85 -14.42 -16.34
CBA TIL F . -15.58 -14.52 -17.12
CAA TIL F . -15.33 -13.12 -16.59
CC5 TIL F . -13.85 -12.82 -16.45
CC6 TIL F . -13.20 -13.21 -15.28
CC1 TIL F . -11.85 -12.91 -15.14
CC2 TIL F . -11.16 -12.24 -16.10
CC3 TIL F . -11.79 -11.85 -17.30
CC4 TIL F . -13.17 -12.12 -17.46
OA TIL F . -11.04 -13.24 -14.08
CR TIL F . -9.21 -13.12 -14.32
NB TIL F . -9.84 -12.08 -15.73
OB TIL F . -7.46 -12.67 -14.69
CB2 TIL F . -6.96 -11.63 -15.43
CB1 TIL F . -7.77 -10.88 -16.27
CB TIL F . -9.21 -11.18 -16.37
CB3 TIL F . -5.60 -11.33 -15.35
CB4 TIL F . -5.05 -10.28 -16.09
CB5 TIL F . -5.87 -9.51 -16.92
CB6 TIL F . -7.24 -9.81 -17.01
S SO4 G . 15.22 -11.73 17.63
O1 SO4 G . 16.02 -12.23 18.73
O2 SO4 G . 15.58 -12.45 16.41
O3 SO4 G . 15.49 -10.31 17.44
O4 SO4 G . 13.80 -11.94 17.94
NA NA H . 0.51 2.58 4.32
O2A TIL I . -3.05 -1.15 26.58
CGA TIL I . -2.92 -0.88 25.35
O1A TIL I . -3.82 -0.36 24.66
CBA TIL I . -1.61 -1.20 24.68
CAA TIL I . -0.59 -0.08 25.02
CC5 TIL I . 0.74 -0.51 24.43
CC6 TIL I . 1.50 -1.46 25.13
CC1 TIL I . 2.71 -1.83 24.59
CC2 TIL I . 3.19 -1.30 23.41
CC3 TIL I . 2.43 -0.35 22.69
CC4 TIL I . 1.20 0.04 23.23
OA TIL I . 3.57 -2.74 25.13
CR TIL I . 4.83 -3.41 23.93
NB TIL I . 4.39 -1.83 23.05
OB TIL I . 6.16 -3.70 22.71
CB2 TIL I . 6.76 -2.92 21.78
CB1 TIL I . 6.27 -1.66 21.48
CB TIL I . 5.07 -1.17 22.19
CB3 TIL I . 7.89 -3.42 21.11
CB4 TIL I . 8.52 -2.63 20.15
CB5 TIL I . 8.02 -1.36 19.85
CB6 TIL I . 6.89 -0.87 20.52
#